data_6XPB
#
_entry.id   6XPB
#
_cell.length_a   106.362
_cell.length_b   124.218
_cell.length_c   104.232
_cell.angle_alpha   90.000
_cell.angle_beta   90.000
_cell.angle_gamma   90.000
#
_symmetry.space_group_name_H-M   'C 2 2 21'
#
loop_
_entity.id
_entity.type
_entity.pdbx_description
1 polymer 'Glutathione hydrolase 1 heavy chain'
2 polymer 'Glutathione hydrolase 1 light chain'
3 non-polymer 2-acetamido-2-deoxy-beta-D-glucopyranose
4 non-polymer 'CHLORIDE ION'
5 non-polymer 'SODIUM ION'
6 non-polymer '2,2-diamino-4-[(S)-({(2S)-1-[(carboxymethyl)amino]-1-oxobutan-2-yl}oxy)(hydroxy)phosphanyl]butanoic acid'
7 water water
#
loop_
_entity_poly.entity_id
_entity_poly.type
_entity_poly.pdbx_seq_one_letter_code
_entity_poly.pdbx_strand_id
1 'polypeptide(L)'
;SASKEPDNHVYTRAAVAADAKQCSKIGRDALRDGGSAVDAAIAALLCVGLMNAHSMGIGGGLFLTIYNSTTRKAEVINAR
EVAPRLAFATMFNSSEQSQKGGLSVAVPGEIRGYELAHQRHGRLPWARLFQPSIQLARQGFPVGKGLAAALENKRTVIEQ
QPVLCEVFCRDRKVLREGERLTLPQLADTYETLAIEGAQAFYNGSLTAQIVKDIQAAGGIVTAEDLNNYRAELIEHPLNI
SLGDAVLYMPSAPLSGPVLALILNILKGYNFSRESVESPEQKGLTYHRIVEAFRFAYAKRTLLGDPKFVDVTEVVRNMTS
EFFAAQLRAQISDDTTHPISYYKPEFYTPDDGG
;
A
2 'polypeptide(L)'
;TAHLSVVAEDGSAVSATSTINLYFGSKVRSPVSGILFNNEMDDFSSPSITNEFGVPPSPANFIQPGKQPLSSMCPTIMVG
QDGQVRMVVGAAGGTQITTATALAIIYNLWFGYDVKRAVEEPRLHNQLLPNVTTVERNIDQAVTAALETRHHHTQIASTF
IAVVQAIVRTAGGWAAASDSRKGGEPAGY
;
B
#
# COMPACT_ATOMS: atom_id res chain seq x y z
N ASN A 8 17.83 4.08 -16.53
CA ASN A 8 18.20 4.63 -15.27
C ASN A 8 17.22 5.70 -14.82
N HIS A 9 16.43 6.22 -15.74
CA HIS A 9 15.27 6.98 -15.34
C HIS A 9 15.63 8.10 -14.35
N VAL A 10 16.58 8.94 -14.73
N VAL A 10 16.57 8.95 -14.74
CA VAL A 10 16.77 10.18 -14.02
CA VAL A 10 16.80 10.20 -14.03
C VAL A 10 16.09 11.24 -14.87
C VAL A 10 16.20 11.32 -14.85
N TYR A 11 15.37 12.14 -14.21
CA TYR A 11 14.60 13.14 -14.91
C TYR A 11 14.88 14.51 -14.35
N THR A 12 15.09 15.46 -15.25
N THR A 12 15.11 15.47 -15.25
CA THR A 12 15.48 16.80 -14.82
CA THR A 12 15.49 16.80 -14.81
C THR A 12 14.37 17.61 -14.16
C THR A 12 14.37 17.57 -14.10
N ARG A 13 13.11 17.31 -14.46
CA ARG A 13 11.99 18.13 -13.98
C ARG A 13 10.95 17.43 -13.11
N ALA A 14 10.57 16.23 -13.50
CA ALA A 14 9.41 15.56 -12.87
C ALA A 14 9.45 14.06 -13.12
N ALA A 15 8.77 13.28 -12.26
CA ALA A 15 8.87 11.83 -12.42
C ALA A 15 7.66 11.16 -11.77
N VAL A 16 7.25 10.04 -12.36
CA VAL A 16 6.15 9.20 -11.80
C VAL A 16 6.70 7.78 -11.78
N ALA A 17 6.62 7.11 -10.64
CA ALA A 17 7.02 5.71 -10.56
C ALA A 17 5.77 4.89 -10.16
N ALA A 18 5.17 4.21 -11.14
CA ALA A 18 4.01 3.33 -10.91
C ALA A 18 4.41 1.88 -11.22
N ASP A 19 3.54 0.90 -10.92
CA ASP A 19 3.92 -0.51 -11.17
C ASP A 19 3.53 -1.02 -12.58
N ALA A 20 3.15 -0.11 -13.46
CA ALA A 20 2.87 -0.46 -14.83
C ALA A 20 3.36 0.71 -15.68
N LYS A 21 4.14 0.41 -16.71
CA LYS A 21 4.76 1.44 -17.56
C LYS A 21 3.73 2.43 -18.13
N GLN A 22 2.61 1.92 -18.63
CA GLN A 22 1.62 2.79 -19.27
C GLN A 22 0.98 3.74 -18.27
N CYS A 23 0.77 3.27 -17.04
CA CYS A 23 0.24 4.16 -16.01
C CYS A 23 1.25 5.24 -15.58
N SER A 24 2.55 4.92 -15.50
CA SER A 24 3.55 5.95 -15.25
C SER A 24 3.50 7.00 -16.34
N LYS A 25 3.38 6.56 -17.59
CA LYS A 25 3.32 7.55 -18.69
C LYS A 25 2.06 8.40 -18.64
N ILE A 26 0.90 7.81 -18.33
CA ILE A 26 -0.29 8.60 -18.09
C ILE A 26 -0.11 9.66 -16.99
N GLY A 27 0.51 9.31 -15.87
CA GLY A 27 0.82 10.31 -14.84
C GLY A 27 1.74 11.40 -15.38
N ARG A 28 2.80 10.97 -16.07
CA ARG A 28 3.75 11.92 -16.63
C ARG A 28 3.07 12.90 -17.60
N ASP A 29 2.19 12.40 -18.48
CA ASP A 29 1.46 13.25 -19.42
C ASP A 29 0.57 14.28 -18.72
N ALA A 30 -0.07 13.87 -17.63
CA ALA A 30 -0.81 14.82 -16.81
C ALA A 30 0.12 15.96 -16.29
N LEU A 31 1.33 15.62 -15.83
CA LEU A 31 2.28 16.62 -15.33
C LEU A 31 2.67 17.56 -16.47
N ARG A 32 2.98 16.96 -17.61
CA ARG A 32 3.40 17.76 -18.75
C ARG A 32 2.31 18.73 -19.24
N ASP A 33 1.05 18.33 -19.08
CA ASP A 33 -0.10 19.17 -19.44
C ASP A 33 -0.46 20.23 -18.40
N GLY A 34 0.39 20.39 -17.38
CA GLY A 34 0.15 21.38 -16.34
C GLY A 34 -0.50 20.88 -15.06
N GLY A 35 -0.62 19.55 -14.91
CA GLY A 35 -1.25 19.01 -13.70
C GLY A 35 -0.35 19.12 -12.47
N SER A 36 -0.96 19.12 -11.29
CA SER A 36 -0.23 19.00 -10.05
C SER A 36 0.23 17.55 -9.85
N ALA A 37 1.07 17.35 -8.84
CA ALA A 37 1.48 15.99 -8.48
C ALA A 37 0.22 15.16 -8.13
N VAL A 38 -0.75 15.78 -7.48
CA VAL A 38 -2.04 15.10 -7.18
C VAL A 38 -2.82 14.71 -8.46
N ASP A 39 -2.92 15.62 -9.44
CA ASP A 39 -3.58 15.27 -10.72
C ASP A 39 -2.92 14.05 -11.34
N ALA A 40 -1.59 14.05 -11.37
CA ALA A 40 -0.83 12.94 -11.99
C ALA A 40 -1.08 11.65 -11.22
N ALA A 41 -1.07 11.75 -9.90
CA ALA A 41 -1.29 10.54 -9.09
C ALA A 41 -2.67 9.96 -9.36
N ILE A 42 -3.71 10.80 -9.43
CA ILE A 42 -5.05 10.29 -9.68
C ILE A 42 -5.13 9.67 -11.09
N ALA A 43 -4.63 10.37 -12.10
CA ALA A 43 -4.69 9.81 -13.47
C ALA A 43 -3.95 8.48 -13.53
N ALA A 44 -2.78 8.40 -12.88
CA ALA A 44 -2.04 7.13 -12.87
C ALA A 44 -2.80 6.03 -12.09
N LEU A 45 -3.36 6.38 -10.92
CA LEU A 45 -4.13 5.40 -10.15
C LEU A 45 -5.35 4.84 -10.89
N LEU A 46 -6.05 5.69 -11.63
CA LEU A 46 -7.15 5.22 -12.41
C LEU A 46 -6.72 4.17 -13.44
N CYS A 47 -5.53 4.36 -14.02
CA CYS A 47 -4.96 3.42 -14.96
C CYS A 47 -4.53 2.12 -14.27
N VAL A 48 -3.90 2.22 -13.11
CA VAL A 48 -3.46 0.98 -12.40
C VAL A 48 -4.69 0.17 -12.02
N GLY A 49 -5.78 0.84 -11.71
CA GLY A 49 -7.08 0.15 -11.43
C GLY A 49 -7.57 -0.71 -12.56
N LEU A 50 -7.15 -0.39 -13.78
CA LEU A 50 -7.48 -1.21 -14.94
C LEU A 50 -6.40 -2.28 -15.16
N MET A 51 -5.15 -1.85 -15.28
CA MET A 51 -4.05 -2.77 -15.62
C MET A 51 -3.78 -3.79 -14.55
N ASN A 52 -4.00 -3.40 -13.28
CA ASN A 52 -3.89 -4.32 -12.17
C ASN A 52 -5.20 -4.41 -11.41
N ALA A 53 -6.26 -4.77 -12.14
CA ALA A 53 -7.62 -4.79 -11.57
C ALA A 53 -7.74 -5.79 -10.41
N HIS A 54 -6.83 -6.74 -10.33
CA HIS A 54 -6.84 -7.65 -9.19
C HIS A 54 -6.33 -7.02 -7.88
N SER A 55 -5.70 -5.86 -7.97
CA SER A 55 -4.89 -5.28 -6.89
CA SER A 55 -4.92 -5.30 -6.87
C SER A 55 -5.50 -4.06 -6.21
N MET A 56 -6.02 -3.12 -7.03
N MET A 56 -6.08 -3.17 -7.02
CA MET A 56 -6.58 -1.88 -6.50
CA MET A 56 -6.68 -1.95 -6.47
C MET A 56 -7.62 -1.38 -7.48
C MET A 56 -7.61 -1.37 -7.50
N GLY A 57 -8.38 -0.36 -7.08
CA GLY A 57 -9.38 0.24 -7.99
C GLY A 57 -10.45 0.97 -7.25
N ILE A 58 -11.46 1.43 -8.00
CA ILE A 58 -12.52 2.25 -7.41
C ILE A 58 -13.44 1.47 -6.45
N GLY A 59 -13.26 0.16 -6.36
CA GLY A 59 -13.99 -0.62 -5.37
C GLY A 59 -13.24 -0.77 -4.05
N GLY A 60 -12.11 -0.08 -3.93
CA GLY A 60 -11.23 -0.24 -2.77
C GLY A 60 -11.00 1.06 -2.02
N GLY A 61 -9.82 1.21 -1.41
CA GLY A 61 -9.56 2.42 -0.67
C GLY A 61 -8.09 2.75 -0.70
N LEU A 62 -7.76 3.97 -0.32
CA LEU A 62 -6.32 4.40 -0.45
C LEU A 62 -5.96 5.46 0.58
N PHE A 63 -4.65 5.62 0.78
CA PHE A 63 -4.10 6.73 1.56
C PHE A 63 -3.13 7.49 0.65
N LEU A 64 -3.13 8.82 0.77
CA LEU A 64 -2.15 9.68 0.05
C LEU A 64 -1.39 10.50 1.08
N THR A 65 -0.06 10.52 0.97
CA THR A 65 0.75 11.48 1.70
C THR A 65 1.19 12.52 0.66
N ILE A 66 0.94 13.80 0.95
CA ILE A 66 1.10 14.88 -0.06
C ILE A 66 2.00 15.95 0.55
N TYR A 67 2.94 16.49 -0.21
CA TYR A 67 3.81 17.51 0.33
C TYR A 67 3.81 18.69 -0.65
N ASN A 68 3.54 19.87 -0.13
CA ASN A 68 3.52 21.10 -0.93
C ASN A 68 4.82 21.86 -0.72
N SER A 69 5.59 22.04 -1.79
CA SER A 69 6.92 22.62 -1.82
C SER A 69 6.93 24.10 -1.44
N THR A 70 5.80 24.75 -1.73
CA THR A 70 5.64 26.18 -1.45
C THR A 70 5.37 26.45 0.02
N THR A 71 4.37 25.79 0.59
CA THR A 71 4.06 25.97 1.99
C THR A 71 5.02 25.20 2.90
N ARG A 72 5.78 24.27 2.31
CA ARG A 72 6.58 23.29 3.07
C ARG A 72 5.76 22.50 4.10
N LYS A 73 4.53 22.17 3.74
CA LYS A 73 3.68 21.38 4.64
C LYS A 73 3.29 20.06 3.97
N ALA A 74 3.23 19.03 4.78
CA ALA A 74 2.78 17.72 4.37
C ALA A 74 1.42 17.48 4.99
N GLU A 75 0.58 16.71 4.30
CA GLU A 75 -0.72 16.31 4.85
C GLU A 75 -0.97 14.88 4.38
N VAL A 76 -1.95 14.21 5.00
CA VAL A 76 -2.33 12.87 4.57
C VAL A 76 -3.81 12.92 4.27
N ILE A 77 -4.23 12.22 3.22
CA ILE A 77 -5.65 12.03 2.98
C ILE A 77 -5.98 10.57 3.26
N ASN A 78 -6.89 10.37 4.21
CA ASN A 78 -7.32 9.01 4.61
C ASN A 78 -8.60 8.63 3.82
N ALA A 79 -8.48 7.73 2.86
CA ALA A 79 -9.68 7.30 2.10
C ALA A 79 -9.70 5.78 2.12
N ARG A 80 -9.33 5.23 3.27
CA ARG A 80 -9.47 3.77 3.43
C ARG A 80 -10.93 3.37 3.70
N GLU A 81 -11.26 2.16 3.31
CA GLU A 81 -12.64 1.65 3.48
C GLU A 81 -13.02 1.59 4.97
N VAL A 82 -14.33 1.61 5.22
CA VAL A 82 -14.83 1.52 6.61
CA VAL A 82 -14.82 1.57 6.56
C VAL A 82 -15.87 0.43 6.69
N ALA A 83 -15.99 -0.16 7.86
CA ALA A 83 -17.01 -1.18 8.08
C ALA A 83 -18.40 -0.50 7.95
N PRO A 84 -19.34 -1.18 7.28
CA PRO A 84 -20.68 -0.63 7.12
C PRO A 84 -21.41 -0.51 8.46
N ARG A 85 -22.46 0.27 8.49
CA ARG A 85 -23.15 0.59 9.71
C ARG A 85 -23.76 -0.65 10.36
N LEU A 86 -24.11 -1.64 9.56
CA LEU A 86 -24.68 -2.90 10.05
C LEU A 86 -23.65 -3.96 10.50
N ALA A 87 -22.36 -3.66 10.36
CA ALA A 87 -21.28 -4.62 10.73
C ALA A 87 -21.19 -4.73 12.27
N PHE A 88 -20.65 -5.86 12.75
CA PHE A 88 -20.42 -6.08 14.19
C PHE A 88 -19.28 -7.08 14.44
N ALA A 89 -18.74 -7.05 15.67
CA ALA A 89 -17.49 -7.72 15.95
C ALA A 89 -17.51 -9.20 15.67
N THR A 90 -18.68 -9.82 15.86
CA THR A 90 -18.79 -11.29 15.69
C THR A 90 -19.46 -11.73 14.39
N MET A 91 -19.37 -10.90 13.36
CA MET A 91 -20.10 -11.21 12.11
C MET A 91 -19.50 -12.32 11.25
N PHE A 92 -18.21 -12.66 11.48
CA PHE A 92 -17.56 -13.75 10.76
C PHE A 92 -17.12 -14.89 11.71
N ASN A 93 -17.29 -16.13 11.27
CA ASN A 93 -16.78 -17.28 12.05
C ASN A 93 -15.72 -18.12 11.39
N SER A 94 -15.37 -17.76 10.15
CA SER A 94 -14.27 -18.43 9.45
C SER A 94 -13.63 -17.44 8.51
N SER A 95 -12.36 -17.71 8.18
CA SER A 95 -11.61 -16.89 7.24
CA SER A 95 -11.60 -16.86 7.26
C SER A 95 -12.32 -16.75 5.91
N GLU A 96 -12.95 -17.84 5.46
N GLU A 96 -12.91 -17.87 5.48
CA GLU A 96 -13.66 -17.82 4.18
CA GLU A 96 -13.70 -17.93 4.26
C GLU A 96 -14.86 -16.85 4.17
C GLU A 96 -14.77 -16.83 4.22
N GLN A 97 -15.52 -16.71 5.31
CA GLN A 97 -16.66 -15.77 5.40
C GLN A 97 -16.15 -14.30 5.29
N SER A 98 -14.96 -14.06 5.83
CA SER A 98 -14.42 -12.72 5.92
C SER A 98 -13.73 -12.34 4.63
N GLN A 99 -13.50 -13.31 3.75
CA GLN A 99 -12.72 -13.09 2.53
C GLN A 99 -13.46 -13.13 1.19
N LYS A 100 -14.60 -13.79 1.15
CA LYS A 100 -15.28 -13.91 -0.13
C LYS A 100 -16.73 -13.53 0.00
N GLY A 101 -17.28 -12.91 -1.03
CA GLY A 101 -18.70 -12.66 -1.00
C GLY A 101 -19.00 -11.23 -0.55
N GLY A 102 -20.27 -10.85 -0.60
CA GLY A 102 -20.63 -9.48 -0.29
C GLY A 102 -20.37 -9.06 1.16
N LEU A 103 -20.45 -10.02 2.09
CA LEU A 103 -20.27 -9.68 3.49
C LEU A 103 -18.82 -9.23 3.77
N SER A 104 -17.88 -9.63 2.89
CA SER A 104 -16.48 -9.26 3.10
C SER A 104 -16.16 -7.82 2.62
N VAL A 105 -17.16 -7.14 2.04
CA VAL A 105 -16.92 -5.83 1.40
C VAL A 105 -17.04 -4.70 2.41
N ALA A 106 -16.00 -3.85 2.49
CA ALA A 106 -16.10 -2.64 3.30
C ALA A 106 -16.50 -1.48 2.37
N VAL A 107 -17.00 -0.40 2.94
CA VAL A 107 -17.48 0.73 2.11
C VAL A 107 -16.29 1.36 1.35
N PRO A 108 -16.32 1.36 0.00
CA PRO A 108 -15.16 1.83 -0.78
C PRO A 108 -14.91 3.32 -0.57
N GLY A 109 -13.64 3.71 -0.43
CA GLY A 109 -13.34 5.11 -0.20
C GLY A 109 -12.56 5.79 -1.34
N GLU A 110 -12.12 5.01 -2.31
CA GLU A 110 -11.16 5.45 -3.34
C GLU A 110 -11.60 6.77 -4.01
N ILE A 111 -12.82 6.78 -4.57
CA ILE A 111 -13.30 7.95 -5.33
C ILE A 111 -13.47 9.21 -4.45
N ARG A 112 -13.92 9.06 -3.19
CA ARG A 112 -14.00 10.20 -2.24
CA ARG A 112 -14.00 10.27 -2.35
C ARG A 112 -12.59 10.73 -1.92
N GLY A 113 -11.62 9.79 -1.86
CA GLY A 113 -10.23 10.18 -1.67
C GLY A 113 -9.69 11.00 -2.87
N TYR A 114 -9.93 10.53 -4.09
CA TYR A 114 -9.48 11.27 -5.28
C TYR A 114 -10.14 12.67 -5.29
N GLU A 115 -11.42 12.73 -4.94
CA GLU A 115 -12.16 13.99 -4.98
C GLU A 115 -11.58 14.99 -3.98
N LEU A 116 -11.32 14.53 -2.76
CA LEU A 116 -10.80 15.44 -1.73
C LEU A 116 -9.43 15.94 -2.14
N ALA A 117 -8.58 15.03 -2.62
CA ALA A 117 -7.22 15.40 -3.02
C ALA A 117 -7.30 16.39 -4.16
N HIS A 118 -8.19 16.14 -5.11
CA HIS A 118 -8.30 17.01 -6.29
C HIS A 118 -8.91 18.37 -5.91
N GLN A 119 -9.86 18.37 -4.99
CA GLN A 119 -10.41 19.67 -4.49
C GLN A 119 -9.34 20.54 -3.86
N ARG A 120 -8.42 19.92 -3.14
CA ARG A 120 -7.37 20.65 -2.42
C ARG A 120 -6.18 21.03 -3.29
N HIS A 121 -5.89 20.20 -4.30
CA HIS A 121 -4.61 20.29 -5.00
C HIS A 121 -4.69 20.13 -6.50
N GLY A 122 -5.88 20.00 -7.04
CA GLY A 122 -6.02 19.77 -8.48
C GLY A 122 -5.74 21.01 -9.30
N ARG A 123 -5.22 20.79 -10.51
CA ARG A 123 -5.05 21.88 -11.46
C ARG A 123 -5.80 21.56 -12.75
N LEU A 124 -5.83 20.30 -13.14
CA LEU A 124 -6.50 19.87 -14.37
C LEU A 124 -7.96 19.59 -14.06
N PRO A 125 -8.84 19.68 -15.07
CA PRO A 125 -10.25 19.33 -14.80
C PRO A 125 -10.38 17.88 -14.37
N TRP A 126 -11.36 17.60 -13.52
CA TRP A 126 -11.61 16.22 -13.11
C TRP A 126 -11.75 15.24 -14.27
N ALA A 127 -12.49 15.62 -15.32
CA ALA A 127 -12.73 14.69 -16.43
C ALA A 127 -11.45 14.28 -17.16
N ARG A 128 -10.52 15.23 -17.24
CA ARG A 128 -9.22 15.01 -17.87
C ARG A 128 -8.45 13.85 -17.20
N LEU A 129 -8.63 13.70 -15.88
CA LEU A 129 -7.92 12.63 -15.17
C LEU A 129 -8.36 11.25 -15.60
N PHE A 130 -9.63 11.15 -16.08
CA PHE A 130 -10.20 9.85 -16.44
C PHE A 130 -9.98 9.51 -17.92
N GLN A 131 -9.82 10.54 -18.74
CA GLN A 131 -9.85 10.34 -20.21
C GLN A 131 -8.95 9.21 -20.76
N PRO A 132 -7.65 9.21 -20.38
CA PRO A 132 -6.75 8.18 -20.93
C PRO A 132 -7.13 6.79 -20.46
N SER A 133 -7.64 6.66 -19.23
CA SER A 133 -8.08 5.34 -18.75
C SER A 133 -9.35 4.84 -19.42
N ILE A 134 -10.26 5.75 -19.75
CA ILE A 134 -11.48 5.35 -20.47
C ILE A 134 -11.08 4.76 -21.82
N GLN A 135 -10.13 5.43 -22.50
CA GLN A 135 -9.62 4.89 -23.76
C GLN A 135 -8.99 3.54 -23.59
N LEU A 136 -8.14 3.38 -22.57
CA LEU A 136 -7.42 2.13 -22.38
C LEU A 136 -8.41 1.00 -22.11
N ALA A 137 -9.45 1.26 -21.30
CA ALA A 137 -10.40 0.21 -20.90
C ALA A 137 -11.20 -0.24 -22.13
N ARG A 138 -11.51 0.69 -23.02
CA ARG A 138 -12.24 0.34 -24.27
C ARG A 138 -11.39 -0.35 -25.32
N GLN A 139 -10.16 0.09 -25.53
CA GLN A 139 -9.35 -0.55 -26.56
CA GLN A 139 -9.30 -0.51 -26.55
C GLN A 139 -8.71 -1.84 -26.06
N GLY A 140 -8.50 -1.93 -24.74
CA GLY A 140 -7.95 -3.14 -24.16
C GLY A 140 -6.46 -3.03 -24.12
N PHE A 141 -5.80 -3.97 -23.47
CA PHE A 141 -4.37 -3.92 -23.29
C PHE A 141 -3.89 -5.34 -23.02
N PRO A 142 -2.61 -5.62 -23.33
CA PRO A 142 -2.05 -6.93 -23.01
C PRO A 142 -1.97 -7.15 -21.50
N VAL A 143 -2.40 -8.33 -21.04
CA VAL A 143 -2.29 -8.68 -19.62
C VAL A 143 -0.83 -8.67 -19.18
N GLY A 144 -0.52 -7.92 -18.13
CA GLY A 144 0.85 -7.90 -17.59
C GLY A 144 1.22 -9.08 -16.70
N LYS A 145 2.48 -9.09 -16.27
CA LYS A 145 3.00 -10.17 -15.42
C LYS A 145 2.23 -10.39 -14.09
N GLY A 146 1.95 -9.31 -13.38
CA GLY A 146 1.28 -9.42 -12.05
C GLY A 146 -0.14 -9.95 -12.17
N LEU A 147 -0.91 -9.36 -13.08
CA LEU A 147 -2.29 -9.78 -13.30
C LEU A 147 -2.32 -11.24 -13.77
N ALA A 148 -1.40 -11.58 -14.66
CA ALA A 148 -1.36 -12.96 -15.18
C ALA A 148 -1.15 -13.96 -14.05
N ALA A 149 -0.23 -13.66 -13.12
CA ALA A 149 0.04 -14.53 -12.00
C ALA A 149 -1.20 -14.66 -11.10
N ALA A 150 -1.93 -13.54 -10.91
CA ALA A 150 -3.09 -13.55 -10.03
C ALA A 150 -4.21 -14.34 -10.66
N LEU A 151 -4.39 -14.16 -11.97
CA LEU A 151 -5.38 -14.94 -12.70
C LEU A 151 -5.10 -16.45 -12.62
N GLU A 152 -3.83 -16.83 -12.75
CA GLU A 152 -3.46 -18.24 -12.65
C GLU A 152 -3.70 -18.76 -11.21
N ASN A 153 -3.36 -17.94 -10.22
CA ASN A 153 -3.58 -18.33 -8.83
C ASN A 153 -5.08 -18.51 -8.51
N LYS A 154 -5.93 -17.73 -9.15
CA LYS A 154 -7.35 -17.75 -8.89
C LYS A 154 -8.14 -18.37 -10.01
N ARG A 155 -7.45 -19.18 -10.77
CA ARG A 155 -8.15 -19.70 -12.02
CA ARG A 155 -8.11 -19.76 -12.01
C ARG A 155 -9.58 -20.46 -11.87
N THR A 156 -9.52 -21.22 -10.79
CA THR A 156 -10.68 -22.00 -10.42
C THR A 156 -11.84 -21.09 -10.08
N VAL A 157 -11.63 -20.15 -9.20
CA VAL A 157 -12.68 -19.23 -8.82
C VAL A 157 -13.14 -18.43 -10.00
N ILE A 158 -12.21 -17.93 -10.77
CA ILE A 158 -12.56 -17.08 -11.90
C ILE A 158 -13.38 -17.83 -12.92
N GLU A 159 -12.90 -19.00 -13.28
CA GLU A 159 -13.53 -19.77 -14.33
C GLU A 159 -14.91 -20.26 -13.95
N GLN A 160 -15.16 -20.47 -12.68
CA GLN A 160 -16.49 -20.93 -12.27
C GLN A 160 -17.48 -19.81 -11.94
N GLN A 161 -17.07 -18.56 -12.06
CA GLN A 161 -17.97 -17.45 -11.78
C GLN A 161 -18.20 -16.67 -13.09
N PRO A 162 -19.39 -16.81 -13.70
CA PRO A 162 -19.63 -16.19 -15.01
C PRO A 162 -19.39 -14.67 -15.09
N VAL A 163 -19.72 -13.92 -14.03
CA VAL A 163 -19.54 -12.47 -14.04
CA VAL A 163 -19.53 -12.48 -14.09
C VAL A 163 -18.04 -12.12 -14.08
N LEU A 164 -17.19 -12.97 -13.48
CA LEU A 164 -15.75 -12.74 -13.56
C LEU A 164 -15.18 -13.26 -14.88
N CYS A 165 -15.67 -14.42 -15.29
CA CYS A 165 -15.14 -15.03 -16.52
C CYS A 165 -15.53 -14.16 -17.72
N GLU A 166 -16.62 -13.41 -17.62
CA GLU A 166 -17.04 -12.40 -18.61
C GLU A 166 -15.90 -11.51 -19.12
N VAL A 167 -15.03 -11.05 -18.22
CA VAL A 167 -13.94 -10.16 -18.63
C VAL A 167 -12.57 -10.81 -18.48
N PHE A 168 -12.43 -11.76 -17.55
CA PHE A 168 -11.09 -12.28 -17.24
C PHE A 168 -10.72 -13.58 -17.96
N CYS A 169 -11.65 -14.10 -18.76
CA CYS A 169 -11.39 -15.32 -19.51
C CYS A 169 -11.43 -15.11 -21.01
N ARG A 170 -10.81 -16.03 -21.72
CA ARG A 170 -10.91 -16.14 -23.15
C ARG A 170 -11.34 -17.56 -23.45
N ASP A 171 -12.46 -17.74 -24.12
CA ASP A 171 -12.96 -19.11 -24.38
C ASP A 171 -13.02 -19.94 -23.10
N ARG A 172 -13.61 -19.35 -22.06
CA ARG A 172 -13.88 -20.02 -20.79
CA ARG A 172 -13.88 -20.08 -20.81
C ARG A 172 -12.64 -20.35 -19.95
N LYS A 173 -11.45 -19.92 -20.40
CA LYS A 173 -10.22 -20.08 -19.62
CA LYS A 173 -10.18 -20.08 -19.65
C LYS A 173 -9.61 -18.71 -19.25
N VAL A 174 -8.98 -18.62 -18.08
CA VAL A 174 -8.34 -17.32 -17.69
C VAL A 174 -7.35 -16.82 -18.73
N LEU A 175 -7.33 -15.50 -18.90
CA LEU A 175 -6.37 -14.86 -19.74
C LEU A 175 -4.94 -15.13 -19.27
N ARG A 176 -4.03 -15.23 -20.24
CA ARG A 176 -2.60 -15.37 -19.93
C ARG A 176 -1.85 -14.08 -20.25
N GLU A 177 -0.61 -13.95 -19.75
CA GLU A 177 0.23 -12.79 -20.02
C GLU A 177 0.36 -12.52 -21.53
N GLY A 178 0.16 -11.27 -21.93
CA GLY A 178 0.17 -10.88 -23.32
C GLY A 178 -1.18 -10.91 -24.04
N GLU A 179 -2.15 -11.64 -23.53
CA GLU A 179 -3.46 -11.70 -24.16
C GLU A 179 -4.23 -10.39 -23.87
N ARG A 180 -5.12 -9.99 -24.76
CA ARG A 180 -5.78 -8.69 -24.59
C ARG A 180 -6.92 -8.75 -23.57
N LEU A 181 -6.89 -7.83 -22.61
CA LEU A 181 -8.01 -7.65 -21.66
C LEU A 181 -8.69 -6.33 -21.99
N THR A 182 -10.02 -6.38 -22.13
CA THR A 182 -10.81 -5.15 -22.27
C THR A 182 -11.78 -5.06 -21.07
N LEU A 183 -12.07 -3.83 -20.63
CA LEU A 183 -12.90 -3.63 -19.42
C LEU A 183 -14.03 -2.67 -19.76
N PRO A 184 -15.02 -3.14 -20.55
CA PRO A 184 -15.92 -2.19 -21.17
C PRO A 184 -16.98 -1.64 -20.25
N GLN A 185 -17.38 -2.40 -19.22
CA GLN A 185 -18.31 -1.87 -18.22
C GLN A 185 -17.59 -0.83 -17.34
N LEU A 186 -16.36 -1.12 -16.91
CA LEU A 186 -15.60 -0.12 -16.14
CA LEU A 186 -15.63 -0.14 -16.13
C LEU A 186 -15.35 1.15 -16.94
N ALA A 187 -15.13 1.00 -18.24
CA ALA A 187 -14.96 2.19 -19.08
C ALA A 187 -16.17 3.10 -18.97
N ASP A 188 -17.37 2.51 -19.02
CA ASP A 188 -18.59 3.28 -18.89
C ASP A 188 -18.72 3.92 -17.51
N THR A 189 -18.36 3.19 -16.47
CA THR A 189 -18.40 3.70 -15.10
C THR A 189 -17.43 4.87 -14.90
N TYR A 190 -16.20 4.72 -15.43
CA TYR A 190 -15.24 5.80 -15.41
C TYR A 190 -15.77 7.01 -16.18
N GLU A 191 -16.43 6.79 -17.31
CA GLU A 191 -17.03 7.93 -18.02
C GLU A 191 -18.11 8.65 -17.21
N THR A 192 -18.96 7.90 -16.52
CA THR A 192 -19.95 8.49 -15.63
C THR A 192 -19.30 9.30 -14.52
N LEU A 193 -18.28 8.74 -13.92
CA LEU A 193 -17.55 9.45 -12.84
C LEU A 193 -16.93 10.75 -13.36
N ALA A 194 -16.40 10.71 -14.60
CA ALA A 194 -15.72 11.87 -15.17
C ALA A 194 -16.72 13.01 -15.41
N ILE A 195 -17.92 12.65 -15.86
CA ILE A 195 -18.99 13.60 -16.23
CA ILE A 195 -18.87 13.69 -16.21
C ILE A 195 -19.78 14.10 -15.04
N GLU A 196 -20.15 13.16 -14.17
CA GLU A 196 -21.06 13.48 -13.04
C GLU A 196 -20.38 13.76 -11.74
N GLY A 197 -19.10 13.38 -11.68
CA GLY A 197 -18.29 13.59 -10.50
C GLY A 197 -18.38 12.44 -9.51
N ALA A 198 -17.65 12.60 -8.43
CA ALA A 198 -17.61 11.61 -7.35
C ALA A 198 -18.99 11.34 -6.75
N GLN A 199 -19.88 12.34 -6.76
CA GLN A 199 -21.26 12.20 -6.29
CA GLN A 199 -21.20 12.12 -6.20
C GLN A 199 -22.00 11.03 -6.94
N ALA A 200 -21.66 10.71 -8.20
CA ALA A 200 -22.32 9.60 -8.89
C ALA A 200 -22.15 8.28 -8.11
N PHE A 201 -20.97 8.11 -7.50
CA PHE A 201 -20.66 6.89 -6.78
C PHE A 201 -21.43 6.85 -5.45
N TYR A 202 -21.32 7.92 -4.69
CA TYR A 202 -21.76 7.92 -3.28
C TYR A 202 -23.20 8.34 -3.05
N ASN A 203 -23.73 9.16 -3.97
CA ASN A 203 -25.11 9.66 -3.76
C ASN A 203 -25.67 10.09 -5.11
N GLY A 204 -25.68 9.15 -6.04
CA GLY A 204 -25.97 9.52 -7.45
C GLY A 204 -26.32 8.30 -8.28
N SER A 205 -26.02 8.37 -9.58
CA SER A 205 -26.55 7.43 -10.54
C SER A 205 -25.98 6.01 -10.42
N LEU A 206 -24.83 5.85 -9.76
CA LEU A 206 -24.25 4.53 -9.57
C LEU A 206 -24.66 3.85 -8.26
N THR A 207 -25.13 4.64 -7.31
CA THR A 207 -25.23 4.21 -5.91
C THR A 207 -26.17 3.02 -5.74
N ALA A 208 -27.36 3.08 -6.33
CA ALA A 208 -28.32 1.99 -6.09
C ALA A 208 -27.79 0.66 -6.60
N GLN A 209 -27.13 0.70 -7.78
CA GLN A 209 -26.55 -0.51 -8.39
C GLN A 209 -25.42 -1.08 -7.53
N ILE A 210 -24.59 -0.19 -6.94
CA ILE A 210 -23.52 -0.66 -6.03
C ILE A 210 -24.15 -1.45 -4.89
N VAL A 211 -25.17 -0.85 -4.27
CA VAL A 211 -25.80 -1.50 -3.12
C VAL A 211 -26.44 -2.83 -3.58
N LYS A 212 -27.15 -2.81 -4.70
CA LYS A 212 -27.75 -4.03 -5.23
C LYS A 212 -26.72 -5.15 -5.44
N ASP A 213 -25.55 -4.82 -6.00
CA ASP A 213 -24.51 -5.83 -6.29
C ASP A 213 -23.93 -6.41 -4.99
N ILE A 214 -23.70 -5.55 -4.01
CA ILE A 214 -23.09 -6.01 -2.76
C ILE A 214 -24.10 -6.90 -2.00
N GLN A 215 -25.33 -6.42 -1.92
CA GLN A 215 -26.38 -7.18 -1.19
C GLN A 215 -26.76 -8.49 -1.88
N ALA A 216 -26.78 -8.50 -3.22
CA ALA A 216 -27.07 -9.72 -3.97
C ALA A 216 -26.05 -10.81 -3.68
N ALA A 217 -24.80 -10.40 -3.42
CA ALA A 217 -23.73 -11.34 -3.03
C ALA A 217 -23.64 -11.62 -1.52
N GLY A 218 -24.68 -11.23 -0.80
CA GLY A 218 -24.80 -11.52 0.64
C GLY A 218 -24.26 -10.45 1.57
N GLY A 219 -24.01 -9.24 1.05
CA GLY A 219 -23.47 -8.14 1.85
C GLY A 219 -24.50 -7.27 2.56
N ILE A 220 -24.02 -6.30 3.29
CA ILE A 220 -24.89 -5.48 4.15
C ILE A 220 -24.65 -4.00 3.95
N VAL A 221 -23.82 -3.63 2.96
CA VAL A 221 -23.63 -2.21 2.63
C VAL A 221 -24.96 -1.62 2.15
N THR A 222 -25.32 -0.44 2.63
CA THR A 222 -26.60 0.19 2.22
C THR A 222 -26.33 1.53 1.57
N ALA A 223 -27.35 2.16 0.97
CA ALA A 223 -27.15 3.50 0.42
C ALA A 223 -26.70 4.50 1.47
N GLU A 224 -27.21 4.39 2.69
CA GLU A 224 -26.81 5.31 3.75
C GLU A 224 -25.29 5.24 4.00
N ASP A 225 -24.76 4.03 3.97
CA ASP A 225 -23.29 3.83 4.14
C ASP A 225 -22.53 4.62 3.08
N LEU A 226 -22.93 4.47 1.83
CA LEU A 226 -22.25 5.24 0.76
C LEU A 226 -22.45 6.76 0.90
N ASN A 227 -23.71 7.16 1.15
CA ASN A 227 -23.98 8.57 1.35
C ASN A 227 -23.11 9.20 2.43
N ASN A 228 -22.87 8.46 3.53
CA ASN A 228 -22.19 9.02 4.70
C ASN A 228 -20.66 8.91 4.67
N TYR A 229 -20.13 8.23 3.66
CA TYR A 229 -18.68 7.99 3.61
C TYR A 229 -17.97 9.35 3.44
N ARG A 230 -16.89 9.60 4.21
CA ARG A 230 -16.11 10.82 4.01
C ARG A 230 -14.62 10.49 4.02
N ALA A 231 -13.88 11.02 3.04
CA ALA A 231 -12.42 10.96 3.16
C ALA A 231 -12.02 11.99 4.20
N GLU A 232 -10.89 11.76 4.87
CA GLU A 232 -10.49 12.64 5.94
C GLU A 232 -9.14 13.28 5.64
N LEU A 233 -9.07 14.61 5.81
CA LEU A 233 -7.81 15.35 5.74
C LEU A 233 -7.11 15.28 7.10
N ILE A 234 -5.85 14.84 7.11
CA ILE A 234 -5.05 14.81 8.32
C ILE A 234 -3.94 15.87 8.15
N GLU A 235 -4.07 17.00 8.84
CA GLU A 235 -3.11 18.09 8.66
C GLU A 235 -1.74 17.83 9.27
N HIS A 236 -1.67 16.98 10.29
CA HIS A 236 -0.38 16.65 10.89
C HIS A 236 -0.12 15.14 10.81
N PRO A 237 0.50 14.68 9.72
CA PRO A 237 0.90 13.29 9.59
C PRO A 237 1.94 12.97 10.65
N LEU A 238 2.18 11.68 10.83
CA LEU A 238 3.27 11.26 11.68
C LEU A 238 4.57 11.71 11.07
N ASN A 239 5.54 12.07 11.90
CA ASN A 239 6.85 12.28 11.34
C ASN A 239 7.93 11.82 12.28
N ILE A 240 9.06 11.50 11.71
CA ILE A 240 10.23 11.31 12.50
C ILE A 240 11.34 12.13 11.87
N SER A 241 12.28 12.47 12.70
CA SER A 241 13.55 13.10 12.23
CA SER A 241 13.57 13.09 12.22
C SER A 241 14.56 12.01 11.86
N LEU A 242 15.25 11.99 10.62
CA LEU A 242 16.38 11.20 10.35
C LEU A 242 17.44 12.14 9.88
N GLY A 243 18.42 12.36 10.73
CA GLY A 243 19.52 13.23 10.38
C GLY A 243 18.98 14.60 10.11
N ASP A 244 19.24 15.14 8.95
CA ASP A 244 18.75 16.45 8.60
C ASP A 244 17.47 16.41 7.78
N ALA A 245 16.70 15.36 7.91
CA ALA A 245 15.51 15.21 7.13
C ALA A 245 14.36 14.81 8.02
N VAL A 246 13.15 15.01 7.52
CA VAL A 246 11.95 14.64 8.21
C VAL A 246 11.25 13.60 7.33
N LEU A 247 10.75 12.52 7.95
CA LEU A 247 9.99 11.51 7.20
CA LEU A 247 9.98 11.50 7.20
C LEU A 247 8.52 11.63 7.60
N TYR A 248 7.66 11.92 6.61
CA TYR A 248 6.23 12.03 6.82
C TYR A 248 5.54 10.74 6.39
N MET A 249 4.65 10.24 7.26
CA MET A 249 3.98 8.97 6.98
C MET A 249 2.65 8.93 7.74
N PRO A 250 1.72 8.07 7.32
CA PRO A 250 0.44 8.02 8.06
C PRO A 250 0.55 7.32 9.38
N SER A 251 -0.13 7.84 10.39
CA SER A 251 -0.26 7.11 11.66
C SER A 251 -1.35 6.02 11.57
N ALA A 252 -1.68 5.42 12.70
CA ALA A 252 -2.78 4.42 12.81
C ALA A 252 -4.03 5.05 12.11
N PRO A 253 -4.79 4.33 11.30
CA PRO A 253 -4.80 2.90 11.21
C PRO A 253 -3.74 2.33 10.23
N LEU A 254 -2.86 3.16 9.67
CA LEU A 254 -1.78 2.61 8.85
C LEU A 254 -0.53 2.29 9.68
N SER A 255 0.55 1.86 9.02
CA SER A 255 1.71 1.35 9.76
CA SER A 255 1.72 1.33 9.74
C SER A 255 2.89 2.31 9.91
N GLY A 256 2.65 3.59 9.70
CA GLY A 256 3.69 4.58 10.02
C GLY A 256 4.33 4.39 11.41
N PRO A 257 3.53 4.08 12.46
CA PRO A 257 4.22 3.97 13.75
C PRO A 257 5.21 2.79 13.82
N VAL A 258 4.94 1.72 13.07
CA VAL A 258 5.82 0.57 13.03
C VAL A 258 7.08 0.96 12.26
N LEU A 259 6.91 1.63 11.12
CA LEU A 259 8.07 2.09 10.36
C LEU A 259 8.94 3.06 11.19
N ALA A 260 8.28 3.98 11.91
CA ALA A 260 9.01 4.94 12.73
C ALA A 260 9.85 4.21 13.78
N LEU A 261 9.27 3.19 14.42
CA LEU A 261 10.00 2.50 15.47
C LEU A 261 11.20 1.72 14.89
N ILE A 262 11.00 1.14 13.71
CA ILE A 262 12.12 0.39 13.06
C ILE A 262 13.29 1.33 12.80
N LEU A 263 12.98 2.46 12.17
CA LEU A 263 14.05 3.39 11.81
C LEU A 263 14.67 4.08 13.02
N ASN A 264 13.84 4.42 14.02
CA ASN A 264 14.39 4.99 15.26
C ASN A 264 15.31 4.03 16.02
N ILE A 265 14.96 2.75 16.05
CA ILE A 265 15.84 1.77 16.69
C ILE A 265 17.15 1.77 15.91
N LEU A 266 17.05 1.68 14.58
CA LEU A 266 18.28 1.47 13.78
C LEU A 266 19.14 2.72 13.65
N LYS A 267 18.53 3.91 13.76
CA LYS A 267 19.32 5.11 13.52
C LYS A 267 20.45 5.20 14.58
N GLY A 268 20.23 4.61 15.76
CA GLY A 268 21.25 4.65 16.82
C GLY A 268 22.51 3.85 16.54
N TYR A 269 22.50 3.01 15.51
CA TYR A 269 23.69 2.26 15.11
C TYR A 269 24.58 3.03 14.12
N ASN A 270 24.10 4.17 13.65
CA ASN A 270 24.82 5.00 12.68
C ASN A 270 25.31 4.20 11.47
N PHE A 271 24.39 3.52 10.78
CA PHE A 271 24.77 2.70 9.65
C PHE A 271 25.35 3.62 8.54
N SER A 272 26.25 3.06 7.75
CA SER A 272 26.85 3.82 6.65
C SER A 272 27.25 2.81 5.62
N ARG A 273 27.92 3.25 4.56
CA ARG A 273 28.34 2.24 3.59
C ARG A 273 29.31 1.21 4.18
N GLU A 274 30.01 1.57 5.24
CA GLU A 274 30.91 0.62 5.90
C GLU A 274 30.16 -0.56 6.53
N SER A 275 28.93 -0.31 6.95
CA SER A 275 28.08 -1.35 7.59
C SER A 275 27.90 -2.58 6.73
N VAL A 276 28.09 -2.46 5.41
CA VAL A 276 27.92 -3.58 4.50
C VAL A 276 29.20 -3.91 3.70
N GLU A 277 30.34 -3.38 4.13
CA GLU A 277 31.57 -3.51 3.32
C GLU A 277 32.30 -4.85 3.42
N SER A 278 32.07 -5.59 4.49
CA SER A 278 32.66 -6.90 4.70
C SER A 278 31.55 -7.83 5.21
N PRO A 279 31.75 -9.16 5.07
CA PRO A 279 30.70 -10.06 5.54
C PRO A 279 30.50 -10.02 7.04
N GLU A 280 31.57 -9.76 7.80
CA GLU A 280 31.46 -9.68 9.25
C GLU A 280 30.53 -8.52 9.62
N GLN A 281 30.79 -7.35 9.06
CA GLN A 281 29.96 -6.17 9.33
C GLN A 281 28.57 -6.35 8.73
N LYS A 282 28.50 -6.82 7.49
CA LYS A 282 27.20 -6.96 6.79
C LYS A 282 26.29 -7.94 7.55
N GLY A 283 26.86 -9.00 8.10
CA GLY A 283 26.04 -9.98 8.81
C GLY A 283 25.45 -9.39 10.09
N LEU A 284 26.26 -8.64 10.83
CA LEU A 284 25.78 -8.07 12.05
C LEU A 284 24.70 -7.03 11.73
N THR A 285 24.94 -6.26 10.68
CA THR A 285 24.02 -5.20 10.29
C THR A 285 22.63 -5.82 9.98
N TYR A 286 22.61 -6.91 9.21
CA TYR A 286 21.31 -7.52 8.85
C TYR A 286 20.66 -8.18 10.05
N HIS A 287 21.46 -8.73 10.96
CA HIS A 287 20.91 -9.24 12.22
C HIS A 287 20.20 -8.13 12.98
N ARG A 288 20.88 -6.98 13.12
CA ARG A 288 20.31 -5.83 13.85
C ARG A 288 19.02 -5.36 13.17
N ILE A 289 18.99 -5.34 11.84
CA ILE A 289 17.74 -4.97 11.13
C ILE A 289 16.60 -5.95 11.49
N VAL A 290 16.87 -7.25 11.46
CA VAL A 290 15.83 -8.25 11.77
C VAL A 290 15.33 -8.12 13.22
N GLU A 291 16.26 -7.87 14.16
CA GLU A 291 15.87 -7.63 15.53
C GLU A 291 15.01 -6.36 15.68
N ALA A 292 15.34 -5.30 14.96
CA ALA A 292 14.52 -4.07 15.00
C ALA A 292 13.10 -4.39 14.49
N PHE A 293 13.00 -5.18 13.41
CA PHE A 293 11.68 -5.62 12.92
C PHE A 293 10.92 -6.36 14.01
N ARG A 294 11.62 -7.25 14.74
CA ARG A 294 10.92 -8.05 15.74
C ARG A 294 10.40 -7.16 16.88
N PHE A 295 11.27 -6.25 17.34
CA PHE A 295 10.79 -5.27 18.34
C PHE A 295 9.64 -4.42 17.84
N ALA A 296 9.69 -3.97 16.59
CA ALA A 296 8.63 -3.08 16.10
C ALA A 296 7.30 -3.80 15.90
N TYR A 297 7.32 -5.01 15.37
CA TYR A 297 6.10 -5.81 15.22
C TYR A 297 5.45 -6.27 16.53
N ALA A 298 6.22 -6.35 17.60
CA ALA A 298 5.66 -6.72 18.92
C ALA A 298 4.59 -5.71 19.37
N LYS A 299 4.80 -4.46 19.00
CA LYS A 299 3.99 -3.35 19.42
C LYS A 299 2.79 -3.14 18.46
N ARG A 300 2.91 -3.66 17.26
CA ARG A 300 1.87 -3.49 16.22
C ARG A 300 0.47 -3.97 16.60
N THR A 301 0.37 -5.04 17.40
CA THR A 301 -0.92 -5.64 17.71
C THR A 301 -1.77 -4.76 18.64
N LEU A 302 -1.19 -3.68 19.18
CA LEU A 302 -2.00 -2.69 19.96
C LEU A 302 -2.62 -1.61 19.10
N LEU A 303 -2.33 -1.63 17.79
CA LEU A 303 -2.79 -0.53 16.95
C LEU A 303 -4.17 -0.84 16.36
N GLY A 304 -4.92 0.22 16.09
CA GLY A 304 -6.25 0.11 15.49
C GLY A 304 -6.67 1.50 15.12
N ASP A 305 -7.87 1.62 14.58
CA ASP A 305 -8.43 2.92 14.18
C ASP A 305 -8.50 3.83 15.43
N PRO A 306 -7.79 4.98 15.42
CA PRO A 306 -7.69 5.81 16.62
C PRO A 306 -8.99 6.52 16.95
N LYS A 307 -9.96 6.54 16.04
CA LYS A 307 -11.32 6.99 16.41
C LYS A 307 -12.07 6.02 17.32
N PHE A 308 -11.62 4.76 17.39
CA PHE A 308 -12.34 3.70 18.09
C PHE A 308 -11.54 3.13 19.22
N VAL A 309 -10.21 3.20 19.11
CA VAL A 309 -9.29 2.63 20.10
CA VAL A 309 -9.37 2.67 20.17
C VAL A 309 -8.37 3.75 20.57
N ASP A 310 -8.07 3.83 21.85
CA ASP A 310 -7.10 4.84 22.32
C ASP A 310 -5.66 4.35 22.03
N VAL A 311 -4.99 4.92 21.02
CA VAL A 311 -3.63 4.48 20.67
C VAL A 311 -2.60 5.56 21.00
N THR A 312 -3.03 6.62 21.70
CA THR A 312 -2.18 7.78 21.86
CA THR A 312 -2.19 7.79 21.90
C THR A 312 -0.85 7.42 22.52
N GLU A 313 -0.90 6.60 23.57
CA GLU A 313 0.31 6.22 24.33
C GLU A 313 1.17 5.26 23.52
N VAL A 314 0.51 4.34 22.83
CA VAL A 314 1.23 3.35 22.00
C VAL A 314 2.02 4.08 20.94
N VAL A 315 1.34 5.00 20.25
CA VAL A 315 1.99 5.71 19.16
C VAL A 315 3.10 6.65 19.67
N ARG A 316 2.84 7.34 20.79
CA ARG A 316 3.90 8.13 21.44
C ARG A 316 5.15 7.27 21.72
N ASN A 317 4.99 6.10 22.32
CA ASN A 317 6.16 5.19 22.50
C ASN A 317 6.83 4.80 21.19
N MET A 318 6.02 4.38 20.21
CA MET A 318 6.57 3.87 18.95
C MET A 318 7.29 4.97 18.16
N THR A 319 6.95 6.23 18.41
CA THR A 319 7.66 7.31 17.74
C THR A 319 8.71 7.99 18.63
N SER A 320 8.93 7.50 19.85
CA SER A 320 9.90 8.11 20.78
C SER A 320 11.31 7.56 20.56
N GLU A 321 12.27 8.47 20.35
CA GLU A 321 13.66 8.09 20.18
C GLU A 321 14.20 7.45 21.43
N PHE A 322 13.72 7.89 22.59
CA PHE A 322 14.21 7.30 23.82
C PHE A 322 13.69 5.84 23.98
N PHE A 323 12.41 5.63 23.67
CA PHE A 323 11.82 4.30 23.72
C PHE A 323 12.58 3.40 22.75
N ALA A 324 12.87 3.94 21.57
CA ALA A 324 13.68 3.19 20.58
C ALA A 324 15.07 2.83 21.12
N ALA A 325 15.70 3.72 21.89
CA ALA A 325 17.03 3.44 22.42
C ALA A 325 16.95 2.35 23.49
N GLN A 326 15.86 2.32 24.26
CA GLN A 326 15.65 1.24 25.23
C GLN A 326 15.52 -0.13 24.56
N LEU A 327 14.85 -0.17 23.41
CA LEU A 327 14.74 -1.41 22.64
C LEU A 327 16.08 -1.77 21.98
N ARG A 328 16.78 -0.79 21.41
CA ARG A 328 18.07 -1.09 20.78
CA ARG A 328 18.10 -1.02 20.79
C ARG A 328 19.03 -1.68 21.80
N ALA A 329 18.95 -1.23 23.05
CA ALA A 329 19.85 -1.74 24.10
C ALA A 329 19.58 -3.21 24.43
N GLN A 330 18.40 -3.70 24.07
CA GLN A 330 18.06 -5.10 24.25
C GLN A 330 18.39 -5.98 23.05
N ILE A 331 18.87 -5.38 21.96
CA ILE A 331 19.27 -6.22 20.81
C ILE A 331 20.66 -6.79 21.15
N SER A 332 20.79 -8.10 21.11
CA SER A 332 22.07 -8.77 21.40
C SER A 332 22.77 -8.98 20.08
N ASP A 333 24.06 -8.63 20.01
CA ASP A 333 24.72 -8.75 18.73
C ASP A 333 24.97 -10.19 18.31
N ASP A 334 24.95 -11.12 19.27
CA ASP A 334 25.26 -12.52 19.03
C ASP A 334 24.10 -13.53 18.90
N THR A 335 22.86 -13.10 19.14
CA THR A 335 21.77 -14.06 19.11
C THR A 335 20.44 -13.33 18.93
N THR A 336 19.48 -14.05 18.33
CA THR A 336 18.07 -13.61 18.40
C THR A 336 17.46 -14.21 19.67
N HIS A 337 16.20 -13.88 19.95
CA HIS A 337 15.56 -14.31 21.20
C HIS A 337 14.20 -14.91 20.95
N PRO A 338 13.62 -15.58 21.97
CA PRO A 338 12.26 -16.09 21.81
C PRO A 338 11.23 -14.97 21.71
N ILE A 339 10.05 -15.26 21.20
CA ILE A 339 9.00 -14.24 21.00
C ILE A 339 8.73 -13.35 22.23
N SER A 340 8.64 -13.97 23.43
CA SER A 340 8.31 -13.23 24.66
C SER A 340 9.31 -12.13 25.02
N TYR A 341 10.53 -12.24 24.51
CA TYR A 341 11.59 -11.31 24.84
C TYR A 341 11.23 -9.89 24.35
N TYR A 342 10.46 -9.82 23.25
CA TYR A 342 10.12 -8.57 22.57
C TYR A 342 8.86 -7.95 23.11
N LYS A 343 8.22 -8.65 24.04
CA LYS A 343 6.99 -8.18 24.74
C LYS A 343 5.85 -7.81 23.78
N PRO A 344 5.39 -8.78 22.97
CA PRO A 344 4.21 -8.52 22.13
C PRO A 344 3.05 -8.32 23.07
N GLU A 345 2.18 -7.41 22.70
CA GLU A 345 1.10 -7.09 23.61
C GLU A 345 -0.19 -7.04 22.83
N PHE A 346 -1.22 -7.60 23.43
CA PHE A 346 -2.58 -7.62 22.85
C PHE A 346 -3.55 -6.69 23.59
N TYR A 347 -3.21 -6.35 24.84
CA TYR A 347 -3.92 -5.33 25.63
C TYR A 347 -2.92 -4.35 26.20
N THR A 348 -3.35 -3.09 26.35
CA THR A 348 -2.51 -2.03 26.93
C THR A 348 -2.14 -2.39 28.38
N PRO A 349 -0.84 -2.28 28.72
CA PRO A 349 -0.36 -2.72 30.04
C PRO A 349 -0.84 -1.84 31.21
N THR B 1 -2.28 -4.77 -4.02
CA THR B 1 -1.97 -3.40 -3.51
C THR B 1 -1.05 -2.75 -4.52
N ALA B 2 -1.22 -1.44 -4.73
CA ALA B 2 -0.32 -0.72 -5.64
C ALA B 2 0.22 0.49 -4.93
N HIS B 3 1.53 0.73 -5.10
CA HIS B 3 2.13 1.94 -4.58
C HIS B 3 2.60 2.83 -5.76
N LEU B 4 2.28 4.11 -5.67
CA LEU B 4 2.73 5.07 -6.67
CA LEU B 4 2.59 5.14 -6.67
C LEU B 4 3.44 6.25 -6.00
N SER B 5 4.54 6.69 -6.63
CA SER B 5 5.29 7.88 -6.16
C SER B 5 5.36 8.90 -7.29
N VAL B 6 5.11 10.16 -6.96
CA VAL B 6 5.11 11.26 -7.94
C VAL B 6 5.88 12.48 -7.38
N VAL B 7 6.71 13.11 -8.22
CA VAL B 7 7.26 14.43 -7.89
CA VAL B 7 7.26 14.43 -7.89
C VAL B 7 7.01 15.35 -9.09
N ALA B 8 6.40 16.49 -8.85
CA ALA B 8 6.09 17.44 -9.91
C ALA B 8 7.22 18.47 -10.08
N GLU B 9 7.18 19.18 -11.20
CA GLU B 9 8.23 20.17 -11.52
C GLU B 9 8.45 21.26 -10.43
N ASP B 10 7.37 21.65 -9.75
CA ASP B 10 7.48 22.61 -8.66
C ASP B 10 8.06 22.03 -7.35
N GLY B 11 8.31 20.72 -7.32
CA GLY B 11 8.93 20.07 -6.13
C GLY B 11 7.92 19.47 -5.15
N SER B 12 6.64 19.63 -5.43
CA SER B 12 5.58 18.97 -4.67
C SER B 12 5.57 17.48 -5.01
N ALA B 13 5.02 16.66 -4.11
CA ALA B 13 5.15 15.22 -4.27
C ALA B 13 3.93 14.55 -3.64
N VAL B 14 3.65 13.33 -4.15
CA VAL B 14 2.54 12.50 -3.62
C VAL B 14 3.08 11.08 -3.50
N SER B 15 2.80 10.43 -2.36
CA SER B 15 3.12 9.02 -2.18
C SER B 15 1.75 8.43 -1.91
N ALA B 16 1.30 7.47 -2.73
CA ALA B 16 -0.10 6.98 -2.59
C ALA B 16 -0.11 5.46 -2.64
N THR B 17 -0.83 4.82 -1.70
CA THR B 17 -0.90 3.36 -1.74
C THR B 17 -2.40 3.02 -1.70
N SER B 18 -2.81 2.09 -2.56
CA SER B 18 -4.24 1.80 -2.76
C SER B 18 -4.44 0.27 -2.78
N THR B 19 -5.61 -0.20 -2.35
CA THR B 19 -5.80 -1.65 -2.25
C THR B 19 -7.29 -2.05 -2.26
N ILE B 20 -7.59 -3.22 -2.82
CA ILE B 20 -8.89 -3.86 -2.67
C ILE B 20 -8.72 -5.08 -1.75
N ASN B 21 -7.49 -5.24 -1.26
CA ASN B 21 -7.06 -6.34 -0.35
C ASN B 21 -6.60 -7.59 -1.11
N LEU B 22 -7.27 -8.74 -1.01
CA LEU B 22 -6.75 -9.98 -1.64
C LEU B 22 -6.95 -9.90 -3.18
N TYR B 23 -6.41 -10.87 -3.92
CA TYR B 23 -6.53 -10.85 -5.37
C TYR B 23 -7.98 -10.85 -5.77
N PHE B 24 -8.36 -9.88 -6.59
CA PHE B 24 -9.76 -9.65 -6.99
C PHE B 24 -10.72 -9.39 -5.82
N GLY B 25 -10.18 -8.98 -4.67
CA GLY B 25 -10.99 -8.50 -3.54
C GLY B 25 -11.95 -9.58 -3.07
N SER B 26 -13.21 -9.22 -2.93
CA SER B 26 -14.28 -10.14 -2.49
C SER B 26 -14.73 -11.19 -3.56
N LYS B 27 -14.15 -11.07 -4.76
CA LYS B 27 -14.55 -11.81 -5.95
CA LYS B 27 -14.52 -11.80 -5.95
C LYS B 27 -15.94 -11.43 -6.44
N VAL B 28 -16.51 -10.34 -5.90
CA VAL B 28 -17.80 -9.81 -6.37
C VAL B 28 -17.53 -8.69 -7.38
N ARG B 29 -17.89 -8.95 -8.64
CA ARG B 29 -17.79 -7.96 -9.71
C ARG B 29 -19.21 -7.61 -10.08
N SER B 30 -19.49 -6.32 -10.20
CA SER B 30 -20.80 -5.89 -10.74
C SER B 30 -20.90 -6.19 -12.24
N PRO B 31 -21.95 -6.90 -12.66
CA PRO B 31 -22.17 -7.16 -14.09
C PRO B 31 -22.58 -5.89 -14.85
N VAL B 32 -23.05 -4.88 -14.13
CA VAL B 32 -23.51 -3.64 -14.74
C VAL B 32 -22.34 -2.60 -14.76
N SER B 33 -21.68 -2.39 -13.62
CA SER B 33 -20.71 -1.29 -13.51
C SER B 33 -19.30 -1.77 -13.79
N GLY B 34 -19.08 -3.07 -13.64
CA GLY B 34 -17.73 -3.63 -13.78
C GLY B 34 -16.89 -3.42 -12.52
N ILE B 35 -17.45 -2.79 -11.50
CA ILE B 35 -16.64 -2.54 -10.28
C ILE B 35 -16.30 -3.87 -9.59
N LEU B 36 -15.02 -4.03 -9.19
CA LEU B 36 -14.65 -5.20 -8.38
CA LEU B 36 -14.60 -5.18 -8.41
C LEU B 36 -14.51 -4.74 -6.94
N PHE B 37 -15.32 -5.33 -6.06
CA PHE B 37 -15.39 -4.82 -4.70
C PHE B 37 -14.32 -5.45 -3.81
N ASN B 38 -13.77 -4.61 -2.94
CA ASN B 38 -12.74 -5.02 -1.97
C ASN B 38 -13.23 -6.12 -1.04
N ASN B 39 -12.27 -6.83 -0.43
CA ASN B 39 -12.58 -7.63 0.76
C ASN B 39 -11.76 -7.12 1.96
N GLU B 40 -11.83 -5.81 2.19
CA GLU B 40 -11.04 -5.18 3.26
C GLU B 40 -11.55 -5.58 4.64
N MET B 41 -12.78 -6.11 4.75
CA MET B 41 -13.23 -6.57 6.10
C MET B 41 -12.32 -7.68 6.63
N ASP B 42 -11.63 -8.40 5.74
CA ASP B 42 -10.70 -9.43 6.15
C ASP B 42 -9.46 -8.88 6.87
N ASP B 43 -9.22 -7.57 6.79
CA ASP B 43 -8.11 -6.94 7.52
C ASP B 43 -8.42 -6.67 8.98
N PHE B 44 -9.67 -6.87 9.41
CA PHE B 44 -9.98 -6.80 10.85
C PHE B 44 -9.63 -8.13 11.50
N SER B 45 -9.34 -8.12 12.80
CA SER B 45 -9.28 -9.33 13.58
C SER B 45 -10.69 -9.77 13.97
N SER B 46 -10.90 -11.06 14.19
CA SER B 46 -12.23 -11.50 14.68
C SER B 46 -12.01 -12.47 15.83
N PRO B 47 -12.83 -12.38 16.90
CA PRO B 47 -12.60 -13.29 18.04
C PRO B 47 -12.63 -14.77 17.64
N SER B 48 -13.42 -15.13 16.61
CA SER B 48 -13.57 -16.55 16.22
C SER B 48 -12.63 -17.06 15.15
N ILE B 49 -11.74 -16.23 14.63
CA ILE B 49 -10.88 -16.67 13.55
C ILE B 49 -9.42 -16.63 14.02
N THR B 50 -8.76 -17.78 13.96
CA THR B 50 -7.31 -17.87 14.17
C THR B 50 -6.60 -17.99 12.85
N ASN B 51 -5.64 -17.08 12.59
CA ASN B 51 -4.93 -17.05 11.31
C ASN B 51 -3.55 -17.72 11.37
N GLU B 52 -2.99 -17.77 12.57
CA GLU B 52 -1.63 -18.26 12.76
C GLU B 52 -1.62 -19.03 14.07
N PHE B 53 -1.04 -20.22 14.01
CA PHE B 53 -0.89 -21.10 15.18
C PHE B 53 -0.36 -20.29 16.36
N GLY B 54 -1.11 -20.31 17.47
CA GLY B 54 -0.69 -19.67 18.72
C GLY B 54 -0.76 -18.16 18.76
N VAL B 55 -1.33 -17.54 17.73
CA VAL B 55 -1.48 -16.08 17.72
C VAL B 55 -2.92 -15.71 18.04
N PRO B 56 -3.16 -15.00 19.15
CA PRO B 56 -4.54 -14.71 19.44
C PRO B 56 -5.05 -13.55 18.58
N PRO B 57 -6.38 -13.41 18.50
CA PRO B 57 -6.97 -12.24 17.84
C PRO B 57 -6.57 -10.95 18.57
N SER B 58 -6.47 -9.84 17.82
CA SER B 58 -6.13 -8.56 18.44
C SER B 58 -7.38 -7.70 18.65
N PRO B 59 -7.82 -7.52 19.91
CA PRO B 59 -9.07 -6.79 20.18
C PRO B 59 -9.04 -5.33 19.72
N ALA B 60 -7.86 -4.70 19.67
CA ALA B 60 -7.75 -3.33 19.16
C ALA B 60 -8.26 -3.22 17.70
N ASN B 61 -8.18 -4.32 16.98
CA ASN B 61 -8.54 -4.37 15.56
C ASN B 61 -9.81 -5.21 15.28
N PHE B 62 -10.68 -5.33 16.29
CA PHE B 62 -12.01 -5.94 16.05
C PHE B 62 -12.91 -5.04 15.21
N ILE B 63 -13.89 -5.66 14.53
CA ILE B 63 -14.87 -4.90 13.75
C ILE B 63 -15.77 -4.05 14.65
N GLN B 64 -15.95 -2.78 14.31
CA GLN B 64 -17.09 -2.02 14.81
C GLN B 64 -17.70 -1.29 13.60
N PRO B 65 -19.02 -0.98 13.66
CA PRO B 65 -19.59 -0.16 12.59
C PRO B 65 -18.91 1.19 12.47
N GLY B 66 -18.53 1.56 11.25
CA GLY B 66 -17.87 2.84 11.02
C GLY B 66 -16.36 2.83 11.26
N LYS B 67 -15.80 1.69 11.67
CA LYS B 67 -14.37 1.61 12.01
C LYS B 67 -13.56 1.20 10.75
N GLN B 68 -12.32 1.68 10.66
CA GLN B 68 -11.39 1.26 9.60
C GLN B 68 -10.45 0.16 10.11
N PRO B 69 -10.23 -0.89 9.30
CA PRO B 69 -9.31 -1.96 9.74
C PRO B 69 -7.86 -1.53 9.68
N LEU B 70 -7.04 -2.11 10.56
CA LEU B 70 -5.59 -1.82 10.54
C LEU B 70 -5.03 -2.18 9.17
N SER B 71 -4.04 -1.41 8.72
CA SER B 71 -3.39 -1.63 7.40
C SER B 71 -1.88 -1.67 7.56
N SER B 72 -1.20 -2.41 6.68
CA SER B 72 0.25 -2.41 6.65
C SER B 72 0.78 -1.36 5.72
N MET B 73 -0.10 -0.66 5.01
CA MET B 73 0.37 0.38 4.05
C MET B 73 1.13 1.52 4.75
N CYS B 74 2.11 2.12 4.04
CA CYS B 74 2.91 3.19 4.61
CA CYS B 74 2.84 3.27 4.63
C CYS B 74 3.48 4.15 3.55
N PRO B 75 2.62 4.85 2.78
CA PRO B 75 3.17 5.77 1.77
C PRO B 75 3.91 6.94 2.47
N THR B 76 5.19 7.13 2.13
CA THR B 76 6.09 8.00 2.88
CA THR B 76 6.07 8.04 2.88
C THR B 76 6.70 9.07 1.94
N ILE B 77 6.99 10.26 2.48
CA ILE B 77 7.75 11.31 1.79
C ILE B 77 8.81 11.77 2.80
N MET B 78 10.06 11.76 2.34
CA MET B 78 11.16 12.31 3.16
C MET B 78 11.52 13.66 2.55
N VAL B 79 11.62 14.68 3.43
CA VAL B 79 11.90 16.06 2.99
C VAL B 79 13.15 16.55 3.73
N GLY B 80 14.04 17.22 2.99
CA GLY B 80 15.31 17.70 3.58
C GLY B 80 15.12 18.97 4.37
N GLN B 81 16.13 19.35 5.17
CA GLN B 81 16.01 20.56 6.00
C GLN B 81 15.74 21.84 5.15
N ASP B 82 16.22 21.84 3.91
CA ASP B 82 15.98 22.95 2.99
C ASP B 82 14.57 22.98 2.38
N GLY B 83 13.72 22.02 2.75
CA GLY B 83 12.35 22.03 2.27
C GLY B 83 12.13 21.29 0.95
N GLN B 84 13.21 20.77 0.35
CA GLN B 84 13.10 20.02 -0.89
C GLN B 84 12.90 18.51 -0.58
N VAL B 85 12.02 17.89 -1.34
CA VAL B 85 11.82 16.42 -1.25
C VAL B 85 13.13 15.65 -1.48
N ARG B 86 13.43 14.69 -0.60
CA ARG B 86 14.59 13.80 -0.73
CA ARG B 86 14.61 13.84 -0.78
C ARG B 86 14.20 12.44 -1.30
N MET B 87 13.04 11.93 -0.85
CA MET B 87 12.64 10.58 -1.23
C MET B 87 11.12 10.43 -1.16
N VAL B 88 10.58 9.73 -2.15
CA VAL B 88 9.14 9.43 -2.12
C VAL B 88 9.08 7.90 -2.26
N VAL B 89 8.50 7.16 -1.31
CA VAL B 89 8.65 5.71 -1.34
C VAL B 89 7.44 5.06 -0.65
N GLY B 90 7.14 3.85 -1.09
CA GLY B 90 6.13 3.05 -0.39
C GLY B 90 6.13 1.67 -1.05
N ALA B 91 5.24 0.78 -0.58
CA ALA B 91 5.31 -0.60 -1.07
C ALA B 91 3.94 -1.28 -1.02
N ALA B 92 3.85 -2.39 -1.75
CA ALA B 92 2.76 -3.37 -1.70
C ALA B 92 3.35 -4.64 -1.12
N GLY B 93 2.50 -5.53 -0.59
CA GLY B 93 3.03 -6.78 -0.06
C GLY B 93 2.50 -7.19 1.32
N GLY B 94 1.31 -6.74 1.68
CA GLY B 94 0.74 -7.18 2.99
C GLY B 94 1.60 -6.74 4.15
N THR B 95 1.82 -7.63 5.13
CA THR B 95 2.66 -7.23 6.24
C THR B 95 4.14 -6.98 5.88
N GLN B 96 4.55 -7.33 4.66
CA GLN B 96 5.92 -7.06 4.23
C GLN B 96 6.11 -5.61 3.76
N ILE B 97 5.01 -4.86 3.68
CA ILE B 97 5.12 -3.47 3.20
C ILE B 97 6.03 -2.66 4.11
N THR B 98 5.84 -2.79 5.43
CA THR B 98 6.52 -1.92 6.36
C THR B 98 8.02 -2.24 6.39
N THR B 99 8.34 -3.53 6.36
CA THR B 99 9.76 -3.91 6.34
C THR B 99 10.42 -3.56 5.00
N ALA B 100 9.71 -3.72 3.89
CA ALA B 100 10.34 -3.44 2.62
C ALA B 100 10.53 -1.94 2.44
N THR B 101 9.58 -1.13 2.92
CA THR B 101 9.73 0.33 2.88
C THR B 101 10.94 0.76 3.77
N ALA B 102 11.02 0.19 4.98
CA ALA B 102 12.22 0.37 5.81
C ALA B 102 13.53 0.02 5.09
N LEU B 103 13.56 -1.14 4.43
CA LEU B 103 14.78 -1.55 3.70
C LEU B 103 15.11 -0.57 2.60
N ALA B 104 14.12 -0.18 1.81
CA ALA B 104 14.45 0.76 0.71
C ALA B 104 15.07 2.05 1.25
N ILE B 105 14.53 2.55 2.37
CA ILE B 105 15.04 3.75 3.04
C ILE B 105 16.46 3.53 3.59
N ILE B 106 16.66 2.46 4.34
CA ILE B 106 17.99 2.09 4.84
C ILE B 106 19.01 1.96 3.68
N TYR B 107 18.59 1.28 2.60
CA TYR B 107 19.48 0.97 1.49
C TYR B 107 19.95 2.28 0.83
N ASN B 108 19.03 3.19 0.59
CA ASN B 108 19.40 4.46 -0.04
C ASN B 108 20.04 5.46 0.91
N LEU B 109 19.45 5.67 2.07
CA LEU B 109 19.88 6.73 2.96
C LEU B 109 21.20 6.41 3.67
N TRP B 110 21.33 5.17 4.15
CA TRP B 110 22.48 4.81 4.98
C TRP B 110 23.52 3.97 4.24
N PHE B 111 23.10 3.00 3.43
CA PHE B 111 24.10 2.17 2.73
C PHE B 111 24.66 2.85 1.49
N GLY B 112 23.96 3.89 1.05
CA GLY B 112 24.40 4.65 -0.12
C GLY B 112 24.02 4.04 -1.47
N TYR B 113 23.06 3.12 -1.51
CA TYR B 113 22.69 2.50 -2.80
C TYR B 113 21.85 3.50 -3.58
N ASP B 114 22.10 3.62 -4.88
CA ASP B 114 21.21 4.47 -5.70
C ASP B 114 19.77 3.93 -5.74
N VAL B 115 18.82 4.74 -6.18
CA VAL B 115 17.41 4.33 -6.05
C VAL B 115 17.07 3.00 -6.71
N LYS B 116 17.61 2.73 -7.90
CA LYS B 116 17.26 1.49 -8.55
C LYS B 116 17.85 0.33 -7.77
N ARG B 117 19.09 0.47 -7.30
CA ARG B 117 19.65 -0.59 -6.48
C ARG B 117 18.86 -0.74 -5.17
N ALA B 118 18.41 0.36 -4.57
CA ALA B 118 17.65 0.29 -3.31
C ALA B 118 16.36 -0.52 -3.52
N VAL B 119 15.73 -0.32 -4.67
CA VAL B 119 14.51 -1.08 -5.03
C VAL B 119 14.78 -2.53 -5.39
N GLU B 120 15.87 -2.79 -6.11
CA GLU B 120 16.16 -4.15 -6.62
C GLU B 120 16.88 -5.05 -5.61
N GLU B 121 17.56 -4.45 -4.65
CA GLU B 121 18.39 -5.18 -3.67
C GLU B 121 17.55 -6.25 -2.96
N PRO B 122 18.14 -7.43 -2.71
CA PRO B 122 17.31 -8.47 -2.08
C PRO B 122 16.83 -8.02 -0.70
N ARG B 123 15.64 -8.49 -0.32
CA ARG B 123 15.07 -8.10 0.95
C ARG B 123 14.88 -9.30 1.85
N LEU B 124 14.55 -9.05 3.11
CA LEU B 124 14.20 -10.09 4.06
C LEU B 124 13.13 -9.52 4.97
N HIS B 125 12.48 -10.40 5.73
CA HIS B 125 11.32 -10.03 6.47
C HIS B 125 11.19 -10.87 7.74
N ASN B 126 10.78 -10.23 8.85
CA ASN B 126 10.42 -11.00 10.03
C ASN B 126 9.37 -10.15 10.72
N GLN B 127 8.28 -10.76 11.13
CA GLN B 127 7.21 -9.98 11.77
C GLN B 127 6.88 -10.56 13.16
N LEU B 128 7.87 -11.25 13.75
CA LEU B 128 7.86 -11.73 15.13
C LEU B 128 7.00 -12.99 15.25
N LEU B 129 5.78 -12.90 14.80
CA LEU B 129 4.89 -14.05 14.66
C LEU B 129 4.36 -14.13 13.22
N PRO B 130 4.69 -15.15 12.46
CA PRO B 130 5.46 -16.34 12.82
C PRO B 130 6.91 -16.04 13.11
N ASN B 131 7.55 -16.98 13.79
CA ASN B 131 8.90 -16.90 14.31
C ASN B 131 9.98 -17.35 13.28
N VAL B 132 9.94 -16.75 12.11
CA VAL B 132 10.83 -17.15 11.06
C VAL B 132 11.27 -15.92 10.29
N THR B 133 12.51 -15.94 9.77
CA THR B 133 12.99 -14.87 8.89
C THR B 133 12.90 -15.35 7.44
N THR B 134 12.14 -14.64 6.63
CA THR B 134 12.04 -14.97 5.22
C THR B 134 13.07 -14.15 4.46
N VAL B 135 13.79 -14.78 3.56
CA VAL B 135 14.81 -14.08 2.80
C VAL B 135 14.50 -14.32 1.34
N GLU B 136 14.80 -13.36 0.46
CA GLU B 136 14.58 -13.61 -0.95
C GLU B 136 15.69 -14.53 -1.51
N ARG B 137 15.38 -15.12 -2.67
CA ARG B 137 16.24 -16.11 -3.33
C ARG B 137 17.68 -15.70 -3.57
N ASN B 138 17.91 -14.45 -3.96
CA ASN B 138 19.25 -14.00 -4.35
C ASN B 138 19.96 -13.19 -3.25
N ILE B 139 19.51 -13.29 -2.01
CA ILE B 139 20.19 -12.55 -0.93
C ILE B 139 21.63 -13.06 -0.82
N ASP B 140 22.53 -12.18 -0.42
CA ASP B 140 23.92 -12.56 -0.11
C ASP B 140 23.88 -13.74 0.88
N GLN B 141 24.47 -14.86 0.50
CA GLN B 141 24.40 -16.03 1.37
C GLN B 141 25.24 -15.88 2.61
N ALA B 142 26.15 -14.91 2.61
CA ALA B 142 26.85 -14.56 3.86
C ALA B 142 25.88 -13.97 4.87
N VAL B 143 24.83 -13.27 4.39
CA VAL B 143 23.77 -12.77 5.30
C VAL B 143 22.97 -13.93 5.91
N THR B 144 22.61 -14.90 5.06
CA THR B 144 21.88 -16.06 5.53
C THR B 144 22.69 -16.78 6.63
N ALA B 145 23.98 -16.93 6.39
CA ALA B 145 24.85 -17.63 7.34
C ALA B 145 24.96 -16.82 8.65
N ALA B 146 25.10 -15.49 8.54
CA ALA B 146 25.21 -14.64 9.73
C ALA B 146 23.92 -14.71 10.56
N LEU B 147 22.77 -14.85 9.89
CA LEU B 147 21.49 -14.95 10.62
C LEU B 147 21.36 -16.31 11.32
N GLU B 148 21.67 -17.38 10.58
CA GLU B 148 21.58 -18.74 11.12
C GLU B 148 22.55 -19.02 12.26
N THR B 149 23.76 -18.48 12.20
CA THR B 149 24.67 -18.70 13.33
C THR B 149 24.24 -17.92 14.57
N ARG B 150 23.40 -16.90 14.37
CA ARG B 150 22.80 -16.20 15.48
C ARG B 150 21.41 -16.72 15.84
N HIS B 151 21.10 -17.93 15.38
CA HIS B 151 19.92 -18.70 15.78
C HIS B 151 18.61 -18.27 15.16
N HIS B 152 18.66 -17.46 14.09
CA HIS B 152 17.46 -17.18 13.31
C HIS B 152 17.16 -18.41 12.47
N HIS B 153 15.88 -18.76 12.36
CA HIS B 153 15.45 -19.77 11.39
C HIS B 153 15.08 -19.05 10.11
N THR B 154 15.77 -19.36 9.03
CA THR B 154 15.48 -18.66 7.77
C THR B 154 14.73 -19.59 6.82
N GLN B 155 13.95 -19.00 5.92
CA GLN B 155 13.31 -19.76 4.87
C GLN B 155 13.31 -18.85 3.66
N ILE B 156 13.40 -19.44 2.48
CA ILE B 156 13.48 -18.66 1.25
C ILE B 156 12.09 -18.39 0.70
N ALA B 157 11.81 -17.14 0.32
CA ALA B 157 10.51 -16.75 -0.20
C ALA B 157 10.28 -17.48 -1.49
N SER B 158 9.11 -18.08 -1.68
CA SER B 158 8.88 -18.83 -2.92
C SER B 158 8.79 -17.93 -4.14
N THR B 159 8.35 -16.67 -3.98
CA THR B 159 8.38 -15.76 -5.10
C THR B 159 9.30 -14.58 -4.79
N PHE B 160 8.78 -13.58 -4.10
CA PHE B 160 9.59 -12.38 -3.75
C PHE B 160 8.94 -11.71 -2.55
N ILE B 161 9.61 -10.71 -1.99
CA ILE B 161 9.12 -10.02 -0.80
C ILE B 161 8.83 -8.59 -1.22
N ALA B 162 7.54 -8.26 -1.29
CA ALA B 162 7.04 -6.88 -1.53
C ALA B 162 7.33 -6.28 -2.92
N VAL B 163 6.77 -5.11 -3.16
CA VAL B 163 7.01 -4.38 -4.40
C VAL B 163 7.16 -2.93 -4.00
N VAL B 164 8.27 -2.28 -4.38
CA VAL B 164 8.56 -0.91 -3.96
C VAL B 164 8.68 -0.01 -5.18
N GLN B 165 8.00 1.14 -5.15
CA GLN B 165 8.25 2.19 -6.17
C GLN B 165 8.87 3.38 -5.41
N ALA B 166 9.88 4.04 -5.99
CA ALA B 166 10.55 5.10 -5.22
C ALA B 166 11.12 6.17 -6.16
N ILE B 167 11.16 7.41 -5.68
CA ILE B 167 11.87 8.51 -6.40
C ILE B 167 12.81 9.13 -5.37
N VAL B 168 14.04 9.44 -5.77
CA VAL B 168 15.00 10.08 -4.86
C VAL B 168 15.60 11.29 -5.59
N ARG B 169 15.78 12.41 -4.88
CA ARG B 169 16.45 13.56 -5.49
CA ARG B 169 16.45 13.57 -5.48
C ARG B 169 17.94 13.28 -5.62
N THR B 170 18.50 13.58 -6.79
CA THR B 170 19.95 13.46 -6.95
C THR B 170 20.48 14.75 -7.55
N ALA B 171 21.81 14.86 -7.69
CA ALA B 171 22.41 16.04 -8.33
C ALA B 171 21.88 16.14 -9.76
N GLY B 172 21.62 14.98 -10.39
CA GLY B 172 21.07 14.90 -11.74
C GLY B 172 19.58 15.21 -11.92
N GLY B 173 18.84 15.41 -10.83
CA GLY B 173 17.41 15.62 -10.92
C GLY B 173 16.68 14.59 -10.07
N TRP B 174 15.59 14.07 -10.59
CA TRP B 174 14.79 13.07 -9.85
C TRP B 174 15.05 11.68 -10.42
N ALA B 175 15.66 10.79 -9.63
CA ALA B 175 15.95 9.42 -10.06
C ALA B 175 14.76 8.53 -9.64
N ALA B 176 14.17 7.82 -10.58
CA ALA B 176 12.95 7.04 -10.27
C ALA B 176 13.24 5.54 -10.48
N ALA B 177 12.51 4.67 -9.77
CA ALA B 177 12.64 3.24 -9.94
C ALA B 177 11.31 2.57 -9.64
N SER B 178 10.94 1.62 -10.50
CA SER B 178 9.79 0.73 -10.29
C SER B 178 10.36 -0.69 -10.15
N ASP B 179 9.75 -1.47 -9.26
CA ASP B 179 10.28 -2.76 -8.87
C ASP B 179 10.15 -3.77 -9.99
N SER B 180 11.26 -4.44 -10.37
CA SER B 180 11.20 -5.49 -11.40
C SER B 180 10.40 -6.74 -10.97
N ARG B 181 10.14 -6.86 -9.68
CA ARG B 181 9.37 -8.00 -9.20
C ARG B 181 7.98 -7.97 -9.79
N LYS B 182 7.49 -6.76 -10.07
CA LYS B 182 6.19 -6.56 -10.73
C LYS B 182 6.30 -6.15 -12.21
N GLY B 183 7.40 -5.56 -12.61
CA GLY B 183 7.64 -5.26 -14.03
C GLY B 183 7.21 -3.84 -14.44
N GLY B 184 6.97 -2.95 -13.49
CA GLY B 184 6.70 -1.55 -13.79
C GLY B 184 7.94 -0.84 -14.33
N GLU B 185 7.71 0.34 -14.90
CA GLU B 185 8.76 1.27 -15.34
CA GLU B 185 8.80 1.28 -15.20
C GLU B 185 8.26 2.69 -15.01
N PRO B 186 9.13 3.58 -14.52
CA PRO B 186 8.76 4.98 -14.31
C PRO B 186 8.68 5.76 -15.64
N ALA B 187 8.26 7.02 -15.53
CA ALA B 187 8.27 7.92 -16.69
C ALA B 187 8.49 9.33 -16.15
N GLY B 188 9.03 10.23 -16.97
CA GLY B 188 9.28 11.54 -16.44
C GLY B 188 9.68 12.45 -17.56
N TYR B 189 10.12 13.65 -17.19
CA TYR B 189 10.72 14.55 -18.19
C TYR B 189 11.64 15.54 -17.54
#